data_4LL6
#
_entry.id   4LL6
#
_cell.length_a   63.881
_cell.length_b   76.363
_cell.length_c   77.598
_cell.angle_alpha   90.00
_cell.angle_beta   90.00
_cell.angle_gamma   90.00
#
_symmetry.space_group_name_H-M   'P 21 21 2'
#
loop_
_entity.id
_entity.type
_entity.pdbx_description
1 polymer Myosin-4
2 non-polymer 'ACETIC ACID'
3 water water
#
_entity_poly.entity_id   1
_entity_poly.type   'polypeptide(L)'
_entity_poly.pdbx_seq_one_letter_code
;ESGNPDLLELLMDLNCYTLEVTEGYLKKVNVTEVNGDNVLGPIHVITTVVSSLVRNGLLIQSSKFISKVLLTVESIVMSL
PKDETMLGGIFWLSNLSRLPAFAANQKTLYEANGGDEKDKLTLIYLNDLENETLKVFDKIYSTWLVKFMKHASAHIEIFD
MVLNEKLFKNSGDEKFAKLFTFLNEFDAVLCKFQVVDSMHTKIFNDTLKYLNVMLFNDLITKCPALNWKYGYEVDRNIER
LVSWFEPRIEDVRPNLIQIIQAVKILQLNISNLNEFKLLFDFWYALNPAQIQAILLKYKPANKGEAGVPNEILNYLANVI
KRENLSLPGKMEIMLSAQFDSAKNHLRYDTSAITQNSNTEGLATVSKIIKLDRK
;
_entity_poly.pdbx_strand_id   A
#
# COMPACT_ATOMS: atom_id res chain seq x y z
N PRO A 5 1.29 -1.29 -44.88
CA PRO A 5 1.16 0.05 -45.50
C PRO A 5 2.17 1.01 -44.87
N ASP A 6 1.76 2.28 -44.72
CA ASP A 6 2.62 3.31 -44.13
C ASP A 6 2.53 3.24 -42.61
N LEU A 7 1.63 2.38 -42.13
CA LEU A 7 1.45 2.19 -40.69
C LEU A 7 2.61 1.32 -40.20
N LEU A 8 2.75 0.15 -40.81
CA LEU A 8 3.81 -0.78 -40.44
C LEU A 8 5.17 -0.08 -40.41
N GLU A 9 5.40 0.82 -41.37
CA GLU A 9 6.67 1.53 -41.46
C GLU A 9 6.79 2.44 -40.24
N LEU A 10 5.69 3.09 -39.91
CA LEU A 10 5.64 3.99 -38.78
C LEU A 10 5.92 3.20 -37.50
N LEU A 11 5.15 2.14 -37.30
CA LEU A 11 5.29 1.32 -36.12
C LEU A 11 6.65 0.70 -35.91
N MET A 12 7.45 0.57 -36.96
CA MET A 12 8.77 -0.02 -36.80
C MET A 12 9.84 0.98 -36.37
N ASP A 13 9.50 2.27 -36.37
CA ASP A 13 10.45 3.28 -35.97
C ASP A 13 10.34 3.45 -34.46
N LEU A 14 10.60 2.36 -33.75
CA LEU A 14 10.52 2.27 -32.29
C LEU A 14 11.04 3.44 -31.48
N ASN A 15 12.34 3.69 -31.62
CA ASN A 15 12.98 4.77 -30.90
C ASN A 15 12.22 6.09 -30.99
N CYS A 16 11.65 6.39 -32.15
CA CYS A 16 10.93 7.65 -32.30
C CYS A 16 9.62 7.79 -31.53
N TYR A 17 8.74 6.80 -31.57
CA TYR A 17 7.49 6.97 -30.84
C TYR A 17 7.66 6.63 -29.37
N THR A 18 8.76 5.95 -29.02
CA THR A 18 9.00 5.64 -27.62
C THR A 18 9.44 6.94 -26.94
N LEU A 19 10.36 7.66 -27.58
CA LEU A 19 10.85 8.92 -27.04
C LEU A 19 9.75 9.99 -26.94
N GLU A 20 8.82 9.96 -27.89
CA GLU A 20 7.72 10.92 -27.86
C GLU A 20 6.91 10.70 -26.57
N VAL A 21 6.63 9.43 -26.28
CA VAL A 21 5.86 9.05 -25.11
C VAL A 21 6.56 9.30 -23.78
N THR A 22 7.78 8.81 -23.62
CA THR A 22 8.42 9.00 -22.33
C THR A 22 8.96 10.41 -22.08
N GLU A 23 9.54 11.02 -23.11
CA GLU A 23 10.10 12.35 -22.94
C GLU A 23 9.15 13.48 -23.28
N GLY A 24 8.40 13.32 -24.37
CA GLY A 24 7.51 14.39 -24.79
C GLY A 24 6.14 14.43 -24.16
N TYR A 25 5.74 13.33 -23.50
CA TYR A 25 4.42 13.25 -22.88
C TYR A 25 4.43 12.85 -21.40
N LEU A 26 4.99 11.69 -21.09
CA LEU A 26 5.03 11.20 -19.72
C LEU A 26 5.82 12.11 -18.75
N LYS A 27 7.12 12.25 -18.97
CA LYS A 27 7.97 13.08 -18.10
C LYS A 27 7.50 14.54 -18.01
N LYS A 28 6.53 14.91 -18.84
CA LYS A 28 6.05 16.29 -18.78
C LYS A 28 4.75 16.45 -18.02
N VAL A 29 3.86 15.45 -18.12
CA VAL A 29 2.58 15.50 -17.43
C VAL A 29 2.73 16.12 -16.05
N ASN A 30 1.90 17.12 -15.74
CA ASN A 30 1.97 17.76 -14.45
C ASN A 30 0.73 17.35 -13.68
N VAL A 31 0.90 16.61 -12.61
CA VAL A 31 -0.23 16.14 -11.85
C VAL A 31 -1.08 17.26 -11.28
N THR A 32 -0.47 18.41 -10.99
CA THR A 32 -1.20 19.56 -10.45
C THR A 32 -2.21 20.11 -11.47
N GLU A 33 -1.94 19.91 -12.75
CA GLU A 33 -2.81 20.41 -13.80
C GLU A 33 -3.66 19.30 -14.42
N VAL A 34 -3.60 18.12 -13.82
CA VAL A 34 -4.36 16.97 -14.29
C VAL A 34 -5.74 17.00 -13.65
N ASN A 35 -6.73 16.39 -14.30
CA ASN A 35 -8.06 16.38 -13.75
C ASN A 35 -8.94 15.30 -14.38
N ASP A 37 -11.50 13.07 -18.75
CA ASP A 37 -10.74 14.27 -18.41
C ASP A 37 -9.30 14.20 -18.90
N ASN A 38 -8.37 14.17 -17.94
CA ASN A 38 -6.94 14.09 -18.22
C ASN A 38 -6.34 12.88 -17.52
N VAL A 39 -6.92 12.53 -16.38
CA VAL A 39 -6.46 11.42 -15.56
C VAL A 39 -5.96 10.19 -16.30
N LEU A 40 -6.82 9.59 -17.11
CA LEU A 40 -6.43 8.39 -17.83
C LEU A 40 -5.68 8.62 -19.14
N GLY A 41 -5.08 9.79 -19.29
CA GLY A 41 -4.33 10.11 -20.50
C GLY A 41 -3.14 9.19 -20.72
N PRO A 42 -2.31 8.95 -19.70
CA PRO A 42 -1.14 8.06 -19.84
C PRO A 42 -1.52 6.66 -20.35
N ILE A 43 -2.42 5.99 -19.63
CA ILE A 43 -2.87 4.65 -20.01
C ILE A 43 -3.44 4.60 -21.44
N HIS A 44 -4.18 5.65 -21.82
CA HIS A 44 -4.77 5.74 -23.15
C HIS A 44 -3.70 5.76 -24.24
N VAL A 45 -2.70 6.62 -24.05
CA VAL A 45 -1.58 6.74 -24.97
C VAL A 45 -0.84 5.41 -25.04
N ILE A 46 -0.54 4.86 -23.88
CA ILE A 46 0.17 3.60 -23.78
C ILE A 46 -0.57 2.45 -24.44
N THR A 47 -1.82 2.24 -24.06
CA THR A 47 -2.53 1.13 -24.64
C THR A 47 -2.82 1.34 -26.13
N THR A 48 -2.86 2.59 -26.58
CA THR A 48 -3.10 2.85 -27.99
C THR A 48 -1.93 2.31 -28.81
N VAL A 49 -0.73 2.65 -28.40
CA VAL A 49 0.47 2.20 -29.09
C VAL A 49 0.57 0.67 -29.04
N VAL A 50 0.50 0.10 -27.85
CA VAL A 50 0.62 -1.34 -27.74
C VAL A 50 -0.44 -2.09 -28.53
N SER A 51 -1.68 -1.65 -28.42
CA SER A 51 -2.76 -2.32 -29.13
C SER A 51 -2.46 -2.38 -30.62
N SER A 52 -1.92 -1.29 -31.15
CA SER A 52 -1.60 -1.20 -32.57
C SER A 52 -0.42 -2.14 -32.88
N LEU A 53 0.64 -2.04 -32.08
CA LEU A 53 1.80 -2.89 -32.28
C LEU A 53 1.41 -4.38 -32.26
N VAL A 54 0.65 -4.80 -31.26
CA VAL A 54 0.25 -6.22 -31.19
C VAL A 54 -0.56 -6.65 -32.40
N ARG A 55 -1.54 -5.82 -32.78
CA ARG A 55 -2.39 -6.10 -33.94
C ARG A 55 -1.56 -6.35 -35.20
N ASN A 56 -0.36 -5.78 -35.24
CA ASN A 56 0.53 -5.91 -36.38
C ASN A 56 1.74 -6.84 -36.20
N GLY A 57 1.69 -7.69 -35.16
CA GLY A 57 2.78 -8.63 -34.93
C GLY A 57 4.11 -8.10 -34.44
N LEU A 58 4.18 -6.81 -34.10
CA LEU A 58 5.45 -6.26 -33.63
C LEU A 58 5.58 -6.44 -32.11
N LEU A 59 5.82 -7.68 -31.70
CA LEU A 59 5.91 -8.05 -30.28
C LEU A 59 7.21 -7.62 -29.59
N ILE A 60 8.36 -7.81 -30.24
CA ILE A 60 9.59 -7.38 -29.61
C ILE A 60 9.47 -5.87 -29.42
N GLN A 61 8.85 -5.21 -30.41
CA GLN A 61 8.64 -3.77 -30.37
C GLN A 61 7.77 -3.37 -29.19
N SER A 62 6.64 -4.06 -29.04
CA SER A 62 5.74 -3.79 -27.93
C SER A 62 6.53 -3.98 -26.61
N SER A 63 7.31 -5.06 -26.54
CA SER A 63 8.11 -5.40 -25.36
C SER A 63 9.09 -4.28 -24.99
N LYS A 64 9.77 -3.77 -26.01
CA LYS A 64 10.73 -2.69 -25.88
C LYS A 64 10.02 -1.44 -25.37
N PHE A 65 8.93 -1.08 -26.05
CA PHE A 65 8.13 0.10 -25.69
C PHE A 65 7.58 0.02 -24.28
N ILE A 66 7.03 -1.13 -23.90
CA ILE A 66 6.49 -1.26 -22.56
C ILE A 66 7.60 -1.17 -21.52
N SER A 67 8.72 -1.84 -21.79
CA SER A 67 9.84 -1.83 -20.86
C SER A 67 10.29 -0.40 -20.55
N LYS A 68 10.54 0.38 -21.59
CA LYS A 68 10.97 1.77 -21.40
C LYS A 68 9.88 2.59 -20.69
N VAL A 69 8.63 2.36 -21.04
CA VAL A 69 7.54 3.10 -20.41
C VAL A 69 7.49 2.84 -18.91
N LEU A 70 7.66 1.58 -18.52
CA LEU A 70 7.59 1.22 -17.10
C LEU A 70 8.76 1.76 -16.29
N LEU A 71 9.91 1.89 -16.93
CA LEU A 71 11.07 2.42 -16.24
C LEU A 71 10.83 3.91 -16.01
N THR A 72 10.28 4.57 -17.01
CA THR A 72 9.99 6.00 -16.93
C THR A 72 9.00 6.29 -15.81
N VAL A 73 7.86 5.60 -15.83
CA VAL A 73 6.86 5.81 -14.80
C VAL A 73 7.41 5.51 -13.40
N GLU A 74 8.20 4.46 -13.27
CA GLU A 74 8.78 4.14 -11.96
C GLU A 74 9.70 5.29 -11.52
N SER A 75 10.55 5.77 -12.42
CA SER A 75 11.45 6.87 -12.10
C SER A 75 10.72 8.16 -11.71
N ILE A 76 9.68 8.50 -12.45
CA ILE A 76 8.90 9.70 -12.15
C ILE A 76 8.32 9.63 -10.73
N VAL A 77 7.69 8.50 -10.40
CA VAL A 77 7.08 8.28 -9.10
C VAL A 77 8.13 8.30 -7.98
N MET A 78 9.27 7.69 -8.24
CA MET A 78 10.37 7.61 -7.30
C MET A 78 10.85 9.01 -6.94
N SER A 79 10.96 9.85 -7.97
CA SER A 79 11.45 11.22 -7.84
C SER A 79 10.36 12.24 -7.61
N LEU A 80 9.19 11.79 -7.22
CA LEU A 80 8.09 12.72 -6.99
C LEU A 80 8.45 13.59 -5.78
N PRO A 81 8.16 14.92 -5.87
CA PRO A 81 8.44 15.89 -4.80
C PRO A 81 7.48 15.69 -3.61
N LYS A 82 8.04 15.65 -2.40
CA LYS A 82 7.27 15.43 -1.18
C LYS A 82 5.87 16.04 -1.13
N ASP A 83 5.67 17.17 -1.80
CA ASP A 83 4.36 17.82 -1.82
C ASP A 83 3.44 17.28 -2.92
N GLU A 84 3.92 16.29 -3.67
CA GLU A 84 3.13 15.71 -4.75
C GLU A 84 3.04 14.18 -4.63
N THR A 85 3.71 13.64 -3.63
CA THR A 85 3.72 12.20 -3.41
C THR A 85 2.34 11.55 -3.40
N MET A 86 1.32 12.24 -2.88
CA MET A 86 -0.03 11.68 -2.84
C MET A 86 -0.78 11.78 -4.16
N LEU A 87 -0.82 12.99 -4.74
CA LEU A 87 -1.50 13.21 -6.01
C LEU A 87 -0.82 12.45 -7.12
N GLY A 88 0.51 12.59 -7.18
CA GLY A 88 1.28 11.93 -8.21
C GLY A 88 1.30 10.42 -8.09
N GLY A 89 1.46 9.91 -6.87
CA GLY A 89 1.48 8.47 -6.67
C GLY A 89 0.17 7.81 -7.08
N ILE A 90 -0.96 8.45 -6.76
CA ILE A 90 -2.28 7.94 -7.09
C ILE A 90 -2.51 8.06 -8.60
N PHE A 91 -2.22 9.23 -9.15
CA PHE A 91 -2.40 9.48 -10.57
C PHE A 91 -1.78 8.36 -11.41
N TRP A 92 -0.48 8.18 -11.25
CA TRP A 92 0.29 7.17 -11.97
C TRP A 92 -0.11 5.71 -11.75
N LEU A 93 -0.33 5.35 -10.49
CA LEU A 93 -0.72 4.00 -10.12
C LEU A 93 -2.11 3.69 -10.67
N SER A 94 -2.94 4.71 -10.75
CA SER A 94 -4.29 4.55 -11.27
C SER A 94 -4.11 4.14 -12.70
N ASN A 95 -3.26 4.89 -13.42
CA ASN A 95 -3.01 4.58 -14.82
C ASN A 95 -2.38 3.19 -14.99
N LEU A 96 -1.22 2.96 -14.36
CA LEU A 96 -0.55 1.65 -14.45
C LEU A 96 -1.46 0.53 -13.95
N SER A 97 -2.45 0.86 -13.14
CA SER A 97 -3.35 -0.15 -12.60
C SER A 97 -4.23 -0.81 -13.64
N ARG A 98 -4.32 -0.23 -14.83
CA ARG A 98 -5.17 -0.76 -15.88
C ARG A 98 -4.46 -1.65 -16.90
N LEU A 99 -3.13 -1.60 -16.88
CA LEU A 99 -2.31 -2.39 -17.81
C LEU A 99 -2.66 -3.87 -17.79
N PRO A 100 -2.73 -4.48 -16.60
CA PRO A 100 -3.07 -5.90 -16.54
C PRO A 100 -4.44 -6.21 -17.17
N ALA A 101 -5.46 -5.42 -16.84
CA ALA A 101 -6.80 -5.63 -17.39
C ALA A 101 -6.79 -5.45 -18.91
N PHE A 102 -6.00 -4.48 -19.35
CA PHE A 102 -5.86 -4.20 -20.77
C PHE A 102 -5.30 -5.45 -21.46
N ALA A 103 -4.21 -5.97 -20.90
CA ALA A 103 -3.53 -7.16 -21.45
C ALA A 103 -4.48 -8.35 -21.55
N ALA A 104 -5.23 -8.58 -20.48
CA ALA A 104 -6.19 -9.68 -20.46
C ALA A 104 -7.26 -9.51 -21.55
N ASN A 105 -7.83 -8.32 -21.64
CA ASN A 105 -8.85 -8.02 -22.64
C ASN A 105 -8.32 -8.19 -24.07
N GLN A 106 -7.06 -7.83 -24.31
CA GLN A 106 -6.49 -7.97 -25.64
C GLN A 106 -6.53 -9.43 -26.09
N LYS A 107 -6.33 -10.35 -25.14
CA LYS A 107 -6.32 -11.79 -25.42
C LYS A 107 -7.58 -12.29 -26.09
N THR A 108 -8.73 -11.72 -25.74
CA THR A 108 -9.99 -12.14 -26.35
C THR A 108 -9.96 -11.98 -27.86
N LEU A 109 -9.15 -11.05 -28.36
CA LEU A 109 -9.08 -10.80 -29.80
C LEU A 109 -8.30 -11.86 -30.54
N TYR A 110 -7.48 -12.61 -29.83
CA TYR A 110 -6.63 -13.62 -30.45
C TYR A 110 -6.90 -15.05 -30.00
N GLU A 111 -8.08 -15.32 -29.47
CA GLU A 111 -8.42 -16.67 -29.02
C GLU A 111 -9.31 -17.42 -30.01
N ALA A 112 -10.63 -17.30 -29.83
CA ALA A 112 -11.56 -17.98 -30.72
C ALA A 112 -12.80 -17.16 -30.97
N GLY A 115 -14.67 -19.28 -34.08
CA GLY A 115 -14.60 -17.89 -34.50
C GLY A 115 -13.50 -17.62 -35.52
N ASP A 116 -12.28 -17.36 -35.03
CA ASP A 116 -11.14 -17.08 -35.90
C ASP A 116 -9.95 -18.00 -35.64
N GLU A 117 -8.80 -17.64 -36.20
CA GLU A 117 -7.57 -18.41 -36.02
C GLU A 117 -6.93 -18.00 -34.70
N LYS A 118 -6.32 -18.98 -34.02
CA LYS A 118 -5.67 -18.73 -32.73
C LYS A 118 -4.17 -18.41 -32.83
N ASP A 119 -3.79 -17.15 -32.64
CA ASP A 119 -2.38 -16.76 -32.67
C ASP A 119 -1.76 -17.06 -31.30
N LYS A 120 -1.32 -18.30 -31.12
CA LYS A 120 -0.76 -18.76 -29.87
C LYS A 120 0.38 -17.92 -29.31
N LEU A 121 1.29 -17.47 -30.17
CA LEU A 121 2.40 -16.66 -29.70
C LEU A 121 1.97 -15.30 -29.11
N THR A 122 0.98 -14.66 -29.72
CA THR A 122 0.50 -13.37 -29.24
C THR A 122 -0.11 -13.56 -27.87
N LEU A 123 -0.90 -14.63 -27.72
CA LEU A 123 -1.49 -14.93 -26.44
C LEU A 123 -0.40 -15.02 -25.37
N ILE A 124 0.68 -15.72 -25.71
CA ILE A 124 1.80 -15.90 -24.80
C ILE A 124 2.39 -14.53 -24.48
N TYR A 125 2.46 -13.68 -25.50
CA TYR A 125 3.00 -12.35 -25.30
C TYR A 125 2.13 -11.59 -24.31
N LEU A 126 0.81 -11.59 -24.59
CA LEU A 126 -0.15 -10.89 -23.74
C LEU A 126 -0.21 -11.40 -22.32
N ASN A 127 -0.19 -12.72 -22.21
CA ASN A 127 -0.24 -13.41 -20.93
C ASN A 127 0.93 -12.91 -20.11
N ASP A 128 2.09 -12.82 -20.74
CA ASP A 128 3.27 -12.32 -20.06
C ASP A 128 3.13 -10.81 -19.75
N LEU A 129 2.61 -10.04 -20.71
CA LEU A 129 2.46 -8.59 -20.51
C LEU A 129 1.67 -8.32 -19.25
N GLU A 130 0.65 -9.14 -19.05
CA GLU A 130 -0.17 -9.00 -17.87
C GLU A 130 0.62 -9.30 -16.59
N ASN A 131 1.27 -10.46 -16.53
CA ASN A 131 2.05 -10.88 -15.36
C ASN A 131 3.10 -9.82 -14.98
N GLU A 132 3.82 -9.33 -15.99
CA GLU A 132 4.88 -8.35 -15.79
C GLU A 132 4.45 -6.95 -15.39
N THR A 133 3.36 -6.46 -15.99
CA THR A 133 2.92 -5.11 -15.65
C THR A 133 2.37 -5.13 -14.23
N LEU A 134 1.94 -6.30 -13.78
CA LEU A 134 1.44 -6.46 -12.42
C LEU A 134 2.64 -6.46 -11.48
N LYS A 135 3.73 -7.13 -11.87
CA LYS A 135 4.94 -7.17 -11.05
C LYS A 135 5.50 -5.77 -10.83
N VAL A 136 5.44 -4.93 -11.85
CA VAL A 136 5.95 -3.58 -11.73
C VAL A 136 4.98 -2.73 -10.90
N PHE A 137 3.69 -2.93 -11.12
CA PHE A 137 2.69 -2.17 -10.38
C PHE A 137 2.87 -2.42 -8.90
N ASP A 138 3.08 -3.69 -8.55
CA ASP A 138 3.29 -4.09 -7.17
C ASP A 138 4.50 -3.42 -6.55
N LYS A 139 5.63 -3.51 -7.25
CA LYS A 139 6.87 -2.91 -6.75
C LYS A 139 6.72 -1.41 -6.51
N ILE A 140 6.21 -0.70 -7.51
CA ILE A 140 6.03 0.74 -7.37
C ILE A 140 5.02 1.06 -6.26
N TYR A 141 3.91 0.33 -6.24
CA TYR A 141 2.87 0.54 -5.24
C TYR A 141 3.40 0.44 -3.82
N SER A 142 4.04 -0.68 -3.50
CA SER A 142 4.59 -0.91 -2.16
C SER A 142 5.54 0.20 -1.73
N THR A 143 6.44 0.59 -2.63
CA THR A 143 7.41 1.62 -2.34
C THR A 143 6.73 2.96 -2.11
N TRP A 144 5.75 3.28 -2.95
CA TRP A 144 5.08 4.55 -2.77
C TRP A 144 4.19 4.62 -1.54
N LEU A 145 3.51 3.52 -1.21
CA LEU A 145 2.61 3.53 -0.07
C LEU A 145 3.37 3.72 1.23
N VAL A 146 4.51 3.07 1.34
CA VAL A 146 5.27 3.23 2.57
C VAL A 146 5.76 4.67 2.67
N LYS A 147 6.33 5.19 1.59
CA LYS A 147 6.83 6.56 1.63
C LYS A 147 5.69 7.53 1.94
N PHE A 148 4.60 7.42 1.19
CA PHE A 148 3.46 8.29 1.39
C PHE A 148 2.98 8.26 2.85
N MET A 149 2.78 7.07 3.39
CA MET A 149 2.31 6.93 4.76
C MET A 149 3.35 7.36 5.80
N LYS A 150 4.64 7.23 5.49
CA LYS A 150 5.70 7.63 6.40
C LYS A 150 5.61 9.14 6.63
N HIS A 151 5.40 9.88 5.56
CA HIS A 151 5.26 11.32 5.63
C HIS A 151 3.89 11.72 6.21
N ALA A 152 2.82 11.06 5.77
CA ALA A 152 1.48 11.38 6.27
C ALA A 152 1.32 11.14 7.79
N SER A 153 1.99 10.13 8.32
CA SER A 153 1.92 9.85 9.74
C SER A 153 2.52 11.02 10.52
N ALA A 154 3.67 11.51 10.06
CA ALA A 154 4.35 12.65 10.69
C ALA A 154 3.48 13.89 10.66
N HIS A 155 3.10 14.29 9.45
CA HIS A 155 2.29 15.47 9.23
C HIS A 155 0.95 15.47 9.98
N ILE A 156 0.32 14.30 10.10
CA ILE A 156 -0.96 14.23 10.80
C ILE A 156 -0.76 13.86 12.29
N GLU A 157 0.50 13.78 12.70
CA GLU A 157 0.88 13.45 14.08
C GLU A 157 0.07 12.30 14.69
N ILE A 158 0.24 11.10 14.15
CA ILE A 158 -0.49 9.93 14.64
C ILE A 158 -0.01 9.44 16.00
N PHE A 159 1.29 9.50 16.24
CA PHE A 159 1.84 9.04 17.51
C PHE A 159 1.29 9.88 18.67
N ASP A 160 1.33 11.20 18.53
CA ASP A 160 0.84 12.08 19.59
C ASP A 160 -0.68 12.05 19.72
N MET A 161 -1.34 11.57 18.67
CA MET A 161 -2.80 11.51 18.67
C MET A 161 -3.29 10.21 19.28
N VAL A 162 -2.52 9.15 19.08
CA VAL A 162 -2.89 7.82 19.54
C VAL A 162 -2.12 7.20 20.71
N LEU A 163 -0.81 7.34 20.74
CA LEU A 163 0.00 6.68 21.76
C LEU A 163 0.61 7.48 22.90
N ASN A 164 0.72 8.79 22.72
CA ASN A 164 1.32 9.62 23.74
C ASN A 164 0.43 9.78 24.98
N GLU A 165 0.85 9.16 26.08
CA GLU A 165 0.08 9.20 27.32
C GLU A 165 -0.08 10.58 27.97
N LYS A 166 1.00 11.35 28.04
CA LYS A 166 0.94 12.66 28.66
C LYS A 166 0.13 13.62 27.80
N LEU A 167 -0.54 13.08 26.81
CA LEU A 167 -1.35 13.89 25.91
C LEU A 167 -2.76 13.30 25.84
N PHE A 168 -3.03 12.34 26.74
CA PHE A 168 -4.32 11.66 26.82
C PHE A 168 -5.48 12.57 27.23
N LYS A 169 -5.37 13.86 26.95
CA LYS A 169 -6.44 14.79 27.29
C LYS A 169 -6.69 15.78 26.18
N ASN A 170 -7.84 15.63 25.51
CA ASN A 170 -8.23 16.52 24.43
C ASN A 170 -9.61 16.16 23.89
N GLY A 172 -8.91 13.96 22.18
CA GLY A 172 -8.13 14.18 20.98
C GLY A 172 -8.99 14.67 19.84
N ASP A 173 -9.95 15.53 20.18
CA ASP A 173 -10.85 16.09 19.19
C ASP A 173 -10.11 16.97 18.20
N GLU A 174 -9.08 17.67 18.66
CA GLU A 174 -8.29 18.53 17.79
C GLU A 174 -7.62 17.73 16.68
N LYS A 175 -6.82 16.75 17.07
CA LYS A 175 -6.10 15.97 16.08
C LYS A 175 -6.96 15.01 15.25
N PHE A 176 -7.81 14.22 15.90
CA PHE A 176 -8.66 13.29 15.15
C PHE A 176 -9.44 13.98 14.04
N ALA A 177 -9.85 15.23 14.29
CA ALA A 177 -10.59 15.99 13.30
C ALA A 177 -9.70 16.13 12.08
N LYS A 178 -8.47 16.56 12.30
CA LYS A 178 -7.48 16.73 11.24
C LYS A 178 -7.21 15.40 10.52
N LEU A 179 -7.15 14.30 11.27
CA LEU A 179 -6.91 12.97 10.69
C LEU A 179 -8.04 12.61 9.73
N PHE A 180 -9.27 12.70 10.22
CA PHE A 180 -10.43 12.40 9.39
C PHE A 180 -10.46 13.29 8.16
N THR A 181 -9.98 14.53 8.29
CA THR A 181 -9.96 15.44 7.16
C THR A 181 -8.83 15.08 6.17
N PHE A 182 -7.83 14.34 6.65
CA PHE A 182 -6.74 13.91 5.80
C PHE A 182 -7.25 12.69 5.03
N LEU A 183 -7.93 11.80 5.74
CA LEU A 183 -8.50 10.59 5.15
C LEU A 183 -9.54 10.94 4.10
N ASN A 184 -10.31 11.99 4.34
CA ASN A 184 -11.34 12.40 3.39
C ASN A 184 -10.73 12.88 2.09
N GLU A 185 -9.65 13.65 2.16
CA GLU A 185 -9.00 14.13 0.96
C GLU A 185 -8.37 12.95 0.23
N PHE A 186 -7.82 12.01 0.99
CA PHE A 186 -7.19 10.81 0.43
C PHE A 186 -8.26 10.07 -0.37
N ASP A 187 -9.38 9.78 0.28
CA ASP A 187 -10.49 9.08 -0.36
C ASP A 187 -11.01 9.82 -1.59
N ALA A 188 -11.07 11.15 -1.52
CA ALA A 188 -11.55 11.94 -2.63
C ALA A 188 -10.66 11.84 -3.87
N VAL A 189 -9.34 11.92 -3.65
CA VAL A 189 -8.38 11.83 -4.74
C VAL A 189 -8.41 10.46 -5.42
N LEU A 190 -8.58 9.41 -4.63
CA LEU A 190 -8.64 8.07 -5.19
C LEU A 190 -9.88 7.97 -6.07
N CYS A 191 -10.89 8.77 -5.76
CA CYS A 191 -12.14 8.80 -6.53
C CYS A 191 -11.96 9.59 -7.82
N LYS A 192 -11.46 10.81 -7.67
CA LYS A 192 -11.25 11.72 -8.79
C LYS A 192 -10.32 11.13 -9.85
N PHE A 193 -9.30 10.40 -9.41
CA PHE A 193 -8.36 9.80 -10.36
C PHE A 193 -8.77 8.42 -10.80
N GLN A 194 -10.01 8.08 -10.51
CA GLN A 194 -10.60 6.82 -10.90
C GLN A 194 -9.88 5.53 -10.57
N VAL A 195 -9.40 5.41 -9.34
CA VAL A 195 -8.74 4.17 -8.93
C VAL A 195 -9.92 3.20 -8.85
N VAL A 196 -9.73 1.96 -9.31
CA VAL A 196 -10.79 0.98 -9.26
C VAL A 196 -11.25 0.72 -7.84
N ASP A 197 -12.51 0.26 -7.69
CA ASP A 197 -13.07 -0.03 -6.39
C ASP A 197 -12.25 -0.99 -5.53
N SER A 198 -11.90 -2.15 -6.11
CA SER A 198 -11.10 -3.12 -5.39
C SER A 198 -9.75 -2.54 -5.00
N MET A 199 -9.13 -1.80 -5.91
CA MET A 199 -7.83 -1.20 -5.62
C MET A 199 -7.97 -0.15 -4.51
N HIS A 200 -9.07 0.59 -4.56
CA HIS A 200 -9.39 1.65 -3.59
C HIS A 200 -9.44 1.00 -2.20
N THR A 201 -10.20 -0.08 -2.13
CA THR A 201 -10.39 -0.86 -0.91
C THR A 201 -9.05 -1.38 -0.38
N LYS A 202 -8.30 -2.02 -1.28
CA LYS A 202 -7.02 -2.59 -0.91
C LYS A 202 -6.10 -1.51 -0.32
N ILE A 203 -6.15 -0.32 -0.90
CA ILE A 203 -5.33 0.79 -0.47
C ILE A 203 -5.67 1.20 0.97
N PHE A 204 -6.94 1.08 1.35
CA PHE A 204 -7.28 1.45 2.70
C PHE A 204 -6.85 0.35 3.64
N ASN A 205 -7.06 -0.91 3.24
CA ASN A 205 -6.66 -2.05 4.07
C ASN A 205 -5.15 -1.97 4.32
N ASP A 206 -4.37 -1.72 3.27
CA ASP A 206 -2.93 -1.60 3.39
C ASP A 206 -2.51 -0.40 4.20
N THR A 207 -3.28 0.69 4.12
CA THR A 207 -2.98 1.89 4.88
C THR A 207 -3.01 1.50 6.36
N LEU A 208 -4.04 0.75 6.76
CA LEU A 208 -4.20 0.31 8.13
C LEU A 208 -3.08 -0.65 8.52
N LYS A 209 -2.63 -1.48 7.57
CA LYS A 209 -1.53 -2.42 7.82
C LYS A 209 -0.26 -1.66 8.15
N TYR A 210 -0.06 -0.53 7.46
CA TYR A 210 1.10 0.30 7.72
C TYR A 210 1.01 0.88 9.13
N LEU A 211 -0.15 1.44 9.47
CA LEU A 211 -0.37 2.03 10.77
C LEU A 211 -0.19 0.99 11.90
N ASN A 212 -0.58 -0.25 11.62
CA ASN A 212 -0.41 -1.34 12.58
C ASN A 212 1.09 -1.41 12.93
N VAL A 213 1.91 -1.51 11.89
CA VAL A 213 3.37 -1.56 12.05
C VAL A 213 3.92 -0.33 12.79
N MET A 214 3.58 0.86 12.28
CA MET A 214 4.03 2.10 12.88
C MET A 214 3.61 2.25 14.34
N LEU A 215 2.34 2.00 14.63
CA LEU A 215 1.85 2.11 15.98
C LEU A 215 2.52 1.10 16.88
N PHE A 216 2.68 -0.13 16.39
CA PHE A 216 3.29 -1.17 17.22
C PHE A 216 4.76 -0.93 17.53
N ASN A 217 5.51 -0.50 16.51
CA ASN A 217 6.93 -0.24 16.69
C ASN A 217 7.13 0.94 17.64
N ASP A 218 6.33 1.98 17.48
CA ASP A 218 6.43 3.15 18.36
C ASP A 218 6.05 2.84 19.80
N LEU A 219 5.03 2.00 19.98
CA LEU A 219 4.59 1.61 21.31
C LEU A 219 5.74 1.00 22.10
N ILE A 220 6.57 0.21 21.43
CA ILE A 220 7.71 -0.49 22.02
C ILE A 220 8.94 0.42 22.17
N THR A 221 8.98 1.53 21.44
CA THR A 221 10.14 2.41 21.49
C THR A 221 9.97 3.80 22.12
N LYS A 222 8.84 4.45 21.90
CA LYS A 222 8.63 5.80 22.42
C LYS A 222 7.65 5.85 23.57
N CYS A 223 7.33 4.70 24.14
CA CYS A 223 6.40 4.68 25.26
C CYS A 223 7.06 3.91 26.40
N PRO A 224 7.53 4.64 27.42
CA PRO A 224 8.21 4.08 28.60
C PRO A 224 7.29 3.43 29.64
N ALA A 225 6.13 4.04 29.89
CA ALA A 225 5.21 3.49 30.88
C ALA A 225 3.91 2.95 30.31
N LEU A 226 3.60 1.70 30.63
CA LEU A 226 2.38 1.08 30.15
C LEU A 226 1.66 0.42 31.31
N ASN A 227 0.33 0.52 31.32
CA ASN A 227 -0.51 -0.07 32.36
C ASN A 227 -1.91 -0.26 31.83
N TRP A 228 -2.81 -0.80 32.66
CA TRP A 228 -4.20 -1.02 32.25
C TRP A 228 -4.83 0.27 31.69
N LYS A 229 -4.67 1.36 32.43
CA LYS A 229 -5.23 2.65 32.06
C LYS A 229 -4.69 3.12 30.70
N TYR A 230 -3.44 2.75 30.41
CA TYR A 230 -2.86 3.14 29.14
C TYR A 230 -3.64 2.39 28.05
N GLY A 231 -4.00 1.14 28.34
CA GLY A 231 -4.76 0.31 27.41
C GLY A 231 -6.14 0.88 27.05
N TYR A 232 -6.89 1.31 28.06
CA TYR A 232 -8.21 1.90 27.85
C TYR A 232 -8.15 3.14 26.96
N GLU A 233 -7.24 4.05 27.29
CA GLU A 233 -7.07 5.28 26.53
C GLU A 233 -6.66 5.03 25.08
N VAL A 234 -5.67 4.15 24.87
CA VAL A 234 -5.18 3.85 23.52
C VAL A 234 -6.27 3.15 22.73
N ASP A 235 -6.94 2.19 23.36
CA ASP A 235 -8.02 1.48 22.70
C ASP A 235 -9.08 2.48 22.23
N ARG A 236 -9.39 3.44 23.09
CA ARG A 236 -10.38 4.44 22.77
C ARG A 236 -9.99 5.24 21.53
N ASN A 237 -8.69 5.40 21.31
CA ASN A 237 -8.25 6.15 20.15
C ASN A 237 -8.25 5.31 18.90
N ILE A 238 -7.89 4.04 19.04
CA ILE A 238 -7.85 3.13 17.92
C ILE A 238 -9.25 3.02 17.35
N GLU A 239 -10.24 2.95 18.23
CA GLU A 239 -11.62 2.88 17.78
C GLU A 239 -11.99 4.17 17.04
N ARG A 240 -11.59 5.31 17.59
CA ARG A 240 -11.87 6.57 16.97
C ARG A 240 -11.35 6.57 15.52
N LEU A 241 -10.13 6.08 15.34
CA LEU A 241 -9.50 6.03 14.02
C LEU A 241 -10.16 4.96 13.12
N VAL A 242 -10.43 3.79 13.69
CA VAL A 242 -11.04 2.71 12.94
C VAL A 242 -12.47 3.03 12.51
N SER A 243 -13.14 3.94 13.23
CA SER A 243 -14.50 4.29 12.90
C SER A 243 -14.60 4.82 11.47
N TRP A 244 -13.68 5.70 11.10
CA TRP A 244 -13.69 6.26 9.74
C TRP A 244 -13.60 5.19 8.66
N PHE A 245 -12.85 4.13 8.93
CA PHE A 245 -12.66 3.02 7.98
C PHE A 245 -13.81 2.01 8.00
N GLU A 246 -14.39 1.76 9.18
CA GLU A 246 -15.48 0.80 9.37
C GLU A 246 -16.55 0.73 8.27
N PRO A 247 -17.17 1.88 7.94
CA PRO A 247 -18.21 1.94 6.91
C PRO A 247 -17.71 1.79 5.48
N ARG A 248 -16.44 2.10 5.25
CA ARG A 248 -15.83 2.02 3.92
C ARG A 248 -15.25 0.66 3.49
N ILE A 249 -14.82 -0.15 4.45
CA ILE A 249 -14.26 -1.46 4.12
C ILE A 249 -14.65 -2.50 5.16
N GLU A 250 -14.60 -3.78 4.78
CA GLU A 250 -14.93 -4.87 5.70
C GLU A 250 -13.63 -5.37 6.31
N ASP A 251 -13.71 -5.92 7.51
CA ASP A 251 -12.52 -6.44 8.21
C ASP A 251 -11.45 -5.38 8.47
N VAL A 252 -11.82 -4.32 9.18
CA VAL A 252 -10.85 -3.27 9.46
C VAL A 252 -9.82 -3.72 10.50
N ARG A 253 -10.29 -4.06 11.69
CA ARG A 253 -9.42 -4.47 12.79
C ARG A 253 -8.34 -5.54 12.54
N PRO A 254 -8.62 -6.59 11.74
CA PRO A 254 -7.57 -7.60 11.52
C PRO A 254 -6.29 -6.99 10.94
N ASN A 255 -6.40 -5.84 10.29
CA ASN A 255 -5.22 -5.17 9.72
C ASN A 255 -4.36 -4.52 10.83
N LEU A 256 -4.99 -4.32 12.00
CA LEU A 256 -4.36 -3.71 13.17
C LEU A 256 -4.20 -4.68 14.31
N ILE A 257 -4.11 -5.97 14.00
CA ILE A 257 -4.04 -6.95 15.07
C ILE A 257 -2.87 -6.86 16.08
N GLN A 258 -1.68 -6.44 15.66
CA GLN A 258 -0.57 -6.33 16.60
C GLN A 258 -0.74 -5.18 17.60
N ILE A 259 -1.14 -4.01 17.13
CA ILE A 259 -1.35 -2.89 18.03
C ILE A 259 -2.55 -3.16 18.95
N ILE A 260 -3.60 -3.77 18.40
CA ILE A 260 -4.78 -4.11 19.18
C ILE A 260 -4.49 -5.17 20.27
N GLN A 261 -3.85 -6.29 19.93
CA GLN A 261 -3.56 -7.35 20.92
C GLN A 261 -2.69 -6.75 22.00
N ALA A 262 -1.64 -6.06 21.56
CA ALA A 262 -0.71 -5.41 22.47
C ALA A 262 -1.48 -4.60 23.52
N VAL A 263 -2.48 -3.86 23.07
CA VAL A 263 -3.30 -3.02 23.94
C VAL A 263 -4.27 -3.81 24.83
N LYS A 264 -4.78 -4.93 24.31
CA LYS A 264 -5.71 -5.78 25.08
C LYS A 264 -4.93 -6.45 26.20
N ILE A 265 -3.68 -6.77 25.93
CA ILE A 265 -2.82 -7.41 26.92
C ILE A 265 -2.66 -6.53 28.16
N LEU A 266 -2.50 -5.22 27.94
CA LEU A 266 -2.33 -4.26 29.05
C LEU A 266 -3.48 -4.29 30.03
N GLN A 267 -4.69 -4.45 29.52
CA GLN A 267 -5.87 -4.56 30.37
C GLN A 267 -5.81 -6.01 30.82
N LEU A 268 -4.81 -6.32 31.64
CA LEU A 268 -4.52 -7.68 32.12
C LEU A 268 -4.89 -8.07 33.54
N ASN A 269 -4.39 -9.24 33.92
CA ASN A 269 -4.64 -9.80 35.24
C ASN A 269 -3.32 -9.92 35.99
N ILE A 270 -3.35 -10.58 37.15
CA ILE A 270 -2.15 -10.77 37.96
C ILE A 270 -1.82 -12.24 38.21
N SER A 271 -2.85 -13.07 38.23
CA SER A 271 -2.70 -14.49 38.51
C SER A 271 -2.43 -15.39 37.30
N ASN A 272 -1.21 -15.90 37.21
CA ASN A 272 -0.75 -16.79 36.15
C ASN A 272 -1.75 -16.90 34.99
N PHE A 276 -2.56 -17.07 32.31
CA PHE A 276 -1.45 -16.69 31.44
C PHE A 276 -0.94 -17.89 30.64
N LYS A 277 -0.27 -18.82 31.31
CA LYS A 277 0.29 -20.01 30.66
C LYS A 277 -0.54 -20.53 29.48
N LEU A 278 -1.87 -20.54 29.65
CA LEU A 278 -2.76 -21.02 28.60
C LEU A 278 -3.05 -19.99 27.51
N LEU A 279 -2.94 -18.70 27.84
CA LEU A 279 -3.20 -17.62 26.89
C LEU A 279 -2.00 -17.14 26.09
N PHE A 280 -0.84 -17.78 26.28
CA PHE A 280 0.37 -17.36 25.56
C PHE A 280 1.25 -18.50 25.05
N ASP A 281 1.33 -19.58 25.81
CA ASP A 281 2.14 -20.73 25.43
C ASP A 281 1.87 -21.13 23.98
N PHE A 282 0.81 -20.56 23.41
CA PHE A 282 0.39 -20.86 22.04
C PHE A 282 0.10 -19.58 21.23
N TRP A 283 0.44 -18.43 21.77
CA TRP A 283 0.15 -17.15 21.10
C TRP A 283 1.10 -16.79 19.98
N TYR A 284 0.52 -16.47 18.82
CA TYR A 284 1.32 -16.13 17.65
C TYR A 284 0.95 -14.77 17.06
N ALA A 285 -0.20 -14.21 17.47
CA ALA A 285 -0.64 -12.89 17.00
C ALA A 285 0.48 -11.91 17.38
N LEU A 286 1.06 -12.18 18.54
CA LEU A 286 2.16 -11.41 19.08
C LEU A 286 3.07 -12.53 19.58
N ASN A 287 4.38 -12.42 19.40
CA ASN A 287 5.26 -13.50 19.85
C ASN A 287 5.84 -13.27 21.25
N PRO A 288 6.23 -14.36 21.96
CA PRO A 288 6.79 -14.26 23.31
C PRO A 288 7.77 -13.11 23.57
N ALA A 289 8.66 -12.84 22.63
CA ALA A 289 9.60 -11.75 22.80
C ALA A 289 8.92 -10.38 22.72
N GLN A 290 7.85 -10.29 21.94
CA GLN A 290 7.11 -9.04 21.79
C GLN A 290 6.24 -8.76 23.02
N ILE A 291 5.70 -9.82 23.61
CA ILE A 291 4.86 -9.71 24.81
C ILE A 291 5.75 -9.29 25.99
N GLN A 292 7.01 -9.69 25.95
CA GLN A 292 7.95 -9.35 26.99
C GLN A 292 8.24 -7.85 26.87
N ALA A 293 8.58 -7.41 25.66
CA ALA A 293 8.87 -6.00 25.39
C ALA A 293 7.76 -5.08 25.92
N ILE A 294 6.51 -5.52 25.75
CA ILE A 294 5.36 -4.77 26.23
C ILE A 294 5.36 -4.77 27.76
N LEU A 295 5.35 -5.97 28.34
CA LEU A 295 5.31 -6.14 29.79
C LEU A 295 6.52 -5.64 30.61
N LEU A 296 7.64 -5.37 29.95
CA LEU A 296 8.81 -4.86 30.66
C LEU A 296 8.70 -3.35 30.80
N LYS A 297 7.63 -2.79 30.23
CA LYS A 297 7.38 -1.36 30.29
C LYS A 297 6.27 -1.09 31.30
N TYR A 298 5.77 -2.16 31.92
CA TYR A 298 4.69 -2.01 32.87
C TYR A 298 5.08 -1.24 34.12
N LYS A 299 4.39 -0.11 34.29
CA LYS A 299 4.57 0.77 35.42
C LYS A 299 3.17 0.94 36.02
N PRO A 300 2.97 0.51 37.28
CA PRO A 300 1.67 0.62 37.95
C PRO A 300 1.00 1.98 37.76
N ALA A 301 -0.29 1.97 37.47
CA ALA A 301 -1.02 3.22 37.27
C ALA A 301 -1.09 3.97 38.59
N ASN A 302 -1.89 3.43 39.50
CA ASN A 302 -2.07 4.01 40.82
C ASN A 302 -0.74 3.96 41.57
N LYS A 303 -0.22 5.12 41.94
CA LYS A 303 1.04 5.20 42.65
C LYS A 303 1.06 4.24 43.85
N GLY A 304 1.96 3.27 43.79
CA GLY A 304 2.06 2.29 44.86
C GLY A 304 1.04 1.19 44.73
N GLU A 305 0.99 0.55 43.56
CA GLU A 305 0.04 -0.54 43.33
C GLU A 305 0.71 -1.76 42.71
N ALA A 306 -0.10 -2.74 42.31
CA ALA A 306 0.40 -3.98 41.74
C ALA A 306 1.10 -3.84 40.38
N GLY A 307 1.99 -4.78 40.10
CA GLY A 307 2.72 -4.76 38.85
C GLY A 307 2.63 -6.13 38.21
N VAL A 308 3.65 -6.50 37.43
CA VAL A 308 3.66 -7.79 36.76
C VAL A 308 4.34 -8.85 37.60
N PRO A 309 3.57 -9.83 38.09
CA PRO A 309 4.11 -10.93 38.91
C PRO A 309 5.39 -11.52 38.33
N ASN A 310 6.51 -11.31 39.02
CA ASN A 310 7.80 -11.79 38.57
C ASN A 310 7.78 -13.25 38.13
N GLU A 311 6.92 -14.06 38.74
CA GLU A 311 6.82 -15.48 38.36
C GLU A 311 6.28 -15.61 36.94
N ILE A 312 5.43 -14.66 36.56
CA ILE A 312 4.83 -14.63 35.22
C ILE A 312 5.87 -14.08 34.25
N LEU A 313 6.43 -12.93 34.60
CA LEU A 313 7.46 -12.27 33.80
C LEU A 313 8.60 -13.27 33.63
N ASN A 314 8.67 -14.21 34.58
CA ASN A 314 9.71 -15.24 34.61
C ASN A 314 9.40 -16.42 33.68
N TYR A 315 8.12 -16.82 33.61
CA TYR A 315 7.69 -17.91 32.73
C TYR A 315 7.93 -17.47 31.28
N LEU A 316 7.57 -16.22 31.01
CA LEU A 316 7.74 -15.60 29.71
C LEU A 316 9.25 -15.56 29.37
N ALA A 317 10.06 -15.09 30.31
CA ALA A 317 11.50 -15.00 30.13
C ALA A 317 12.08 -16.37 29.77
N ASN A 318 11.53 -17.42 30.38
CA ASN A 318 12.00 -18.78 30.13
C ASN A 318 11.60 -19.31 28.76
N VAL A 319 10.35 -19.06 28.36
CA VAL A 319 9.83 -19.51 27.06
C VAL A 319 10.62 -18.88 25.91
N ILE A 320 11.12 -17.67 26.13
CA ILE A 320 11.90 -16.98 25.13
C ILE A 320 13.14 -17.81 24.84
N LYS A 321 13.87 -18.15 25.90
CA LYS A 321 15.10 -18.92 25.77
C LYS A 321 14.88 -20.43 25.59
N ARG A 322 15.09 -20.91 24.37
CA ARG A 322 14.97 -22.33 24.04
C ARG A 322 14.99 -22.54 22.52
N GLU A 323 14.26 -21.69 21.79
CA GLU A 323 14.24 -21.80 20.34
C GLU A 323 14.79 -20.50 19.75
N ASN A 324 15.49 -19.73 20.58
CA ASN A 324 16.08 -18.47 20.13
C ASN A 324 17.02 -18.67 18.93
N PRO A 328 16.22 -22.69 15.95
CA PRO A 328 16.10 -21.49 15.11
C PRO A 328 17.29 -20.54 15.28
N GLY A 329 17.18 -19.35 14.70
CA GLY A 329 18.28 -18.39 14.81
C GLY A 329 17.91 -17.01 15.34
N LYS A 330 16.62 -16.71 15.44
CA LYS A 330 16.18 -15.38 15.91
C LYS A 330 14.82 -15.39 16.62
N MET A 331 14.16 -14.23 16.61
CA MET A 331 12.84 -14.07 17.22
C MET A 331 12.06 -12.93 16.56
N GLU A 332 12.55 -11.69 16.70
CA GLU A 332 11.95 -10.51 16.07
C GLU A 332 10.81 -9.78 16.81
N ILE A 333 11.12 -8.58 17.26
CA ILE A 333 10.15 -7.73 17.96
C ILE A 333 9.55 -6.68 17.04
N MET A 334 10.39 -5.96 16.30
CA MET A 334 9.90 -4.93 15.38
C MET A 334 9.12 -5.51 14.21
N LEU A 335 8.21 -4.70 13.67
CA LEU A 335 7.40 -5.11 12.54
C LEU A 335 7.84 -4.36 11.30
N SER A 336 7.49 -4.91 10.15
CA SER A 336 7.80 -4.30 8.87
C SER A 336 6.55 -4.45 8.01
N ALA A 337 6.20 -3.39 7.30
CA ALA A 337 5.05 -3.42 6.42
C ALA A 337 5.35 -4.24 5.15
N GLN A 338 4.41 -5.12 4.81
CA GLN A 338 4.51 -5.97 3.64
C GLN A 338 3.09 -6.04 3.09
N PHE A 339 2.95 -5.89 1.78
CA PHE A 339 1.61 -5.92 1.18
C PHE A 339 1.46 -7.02 0.14
N ASP A 340 0.24 -7.53 0.00
CA ASP A 340 0.00 -8.58 -0.97
C ASP A 340 -0.06 -7.96 -2.36
N SER A 341 0.04 -8.82 -3.36
CA SER A 341 0.00 -8.42 -4.76
C SER A 341 -1.39 -7.85 -5.02
N ALA A 342 -1.47 -6.82 -5.87
CA ALA A 342 -2.76 -6.21 -6.20
C ALA A 342 -3.52 -7.16 -7.12
N LYS A 343 -2.93 -8.30 -7.37
CA LYS A 343 -3.49 -9.36 -8.22
C LYS A 343 -5.00 -9.41 -8.40
N ASN A 344 -5.71 -9.99 -7.43
CA ASN A 344 -7.15 -10.13 -7.55
C ASN A 344 -7.93 -8.83 -7.39
N HIS A 345 -7.21 -7.73 -7.21
CA HIS A 345 -7.86 -6.45 -7.01
C HIS A 345 -7.89 -5.54 -8.20
N LEU A 346 -7.25 -5.93 -9.30
CA LEU A 346 -7.21 -5.06 -10.46
C LEU A 346 -8.20 -5.35 -11.58
N ARG A 347 -9.40 -5.78 -11.20
CA ARG A 347 -10.47 -6.07 -12.17
C ARG A 347 -11.05 -4.74 -12.69
N TYR A 348 -11.33 -4.67 -13.99
CA TYR A 348 -11.88 -3.46 -14.58
C TYR A 348 -12.77 -3.74 -15.77
N ASP A 349 -12.70 -2.83 -16.75
CA ASP A 349 -13.42 -2.88 -18.02
C ASP A 349 -13.23 -1.54 -18.74
N THR A 359 -1.22 13.34 -28.67
CA THR A 359 0.11 13.71 -28.23
C THR A 359 0.83 14.55 -29.29
N GLU A 360 1.72 13.91 -30.04
CA GLU A 360 2.48 14.59 -31.08
C GLU A 360 2.49 13.80 -32.38
N GLY A 361 3.46 14.11 -33.23
CA GLY A 361 3.60 13.47 -34.53
C GLY A 361 3.21 12.02 -34.60
N LEU A 362 4.22 11.15 -34.56
CA LEU A 362 4.02 9.71 -34.65
C LEU A 362 2.92 9.20 -33.74
N ALA A 363 2.97 9.56 -32.47
CA ALA A 363 1.96 9.12 -31.52
C ALA A 363 0.55 9.24 -32.09
N THR A 364 0.24 10.38 -32.71
CA THR A 364 -1.09 10.60 -33.27
C THR A 364 -1.30 9.90 -34.61
N VAL A 365 -0.28 9.94 -35.47
CA VAL A 365 -0.36 9.31 -36.78
C VAL A 365 -0.76 7.84 -36.65
N SER A 366 -0.36 7.21 -35.53
CA SER A 366 -0.71 5.81 -35.27
C SER A 366 -2.17 5.78 -34.88
N LYS A 367 -2.51 6.65 -33.94
CA LYS A 367 -3.85 6.79 -33.40
C LYS A 367 -4.88 7.09 -34.50
N ILE A 368 -4.40 7.37 -35.71
CA ILE A 368 -5.33 7.67 -36.80
C ILE A 368 -5.42 6.54 -37.82
N ILE A 369 -4.91 5.36 -37.47
CA ILE A 369 -4.93 4.20 -38.37
C ILE A 369 -4.98 2.90 -37.57
#